data_6YMO
#
_entry.id   6YMO
#
_cell.length_a   72.285
_cell.length_b   104.351
_cell.length_c   112.429
_cell.angle_alpha   90.000
_cell.angle_beta   90.000
_cell.angle_gamma   90.000
#
_symmetry.space_group_name_H-M   'P 21 21 21'
#
loop_
_entity.id
_entity.type
_entity.pdbx_description
1 polymer '14-3-3 protein zeta/delta'
2 polymer 'Glucocorticoid receptor'
3 non-polymer '2-HYDROXYBENZOIC ACID'
4 non-polymer 'SULFATE ION'
5 water water
#
loop_
_entity_poly.entity_id
_entity_poly.type
_entity_poly.pdbx_seq_one_letter_code
_entity_poly.pdbx_strand_id
1 'polypeptide(L)'
;GAMGSMDKNELVQKAKLAEQAERYDDMAACMKSVTEQGAELSNEERNLLSVAYKNVVGARRSSWRVVSSIEQKTEGAEKK
QQMAREYREKIETELRDICNDVLSLLEKFLIPNASQAESKVFYLKMKGDYYRYLAEVAAGDDKKGIVDQSQQAYQEAFEI
SKKEMQPTHPIRLGLALNFSVFYYEILNSPEKACSLAKTAFDEAIAELDTLSEESYKDSTLIMQLLRDNLTLWTS
;
A,B
2 'polypeptide(L)' RSYRQS(SEP)ANLLCF C,D
#
loop_
_chem_comp.id
_chem_comp.type
_chem_comp.name
_chem_comp.formula
SAL non-polymer '2-HYDROXYBENZOIC ACID' 'C7 H6 O3'
SO4 non-polymer 'SULFATE ION' 'O4 S -2'
#
# COMPACT_ATOMS: atom_id res chain seq x y z
N MET A 6 -1.56 -18.71 19.92
CA MET A 6 -1.78 -17.46 20.69
C MET A 6 -3.21 -17.43 21.26
N ASP A 7 -3.43 -16.52 22.20
CA ASP A 7 -4.71 -16.29 22.90
C ASP A 7 -5.64 -15.60 21.90
N LYS A 8 -6.97 -15.88 21.94
CA LYS A 8 -7.91 -15.31 20.97
C LYS A 8 -7.95 -13.77 21.04
N ASN A 9 -8.16 -13.20 22.26
CA ASN A 9 -8.22 -11.76 22.48
C ASN A 9 -6.92 -11.04 22.09
N GLU A 10 -5.76 -11.71 22.26
CA GLU A 10 -4.42 -11.21 21.89
C GLU A 10 -4.31 -11.09 20.36
N LEU A 11 -4.70 -12.16 19.63
CA LEU A 11 -4.69 -12.24 18.17
C LEU A 11 -5.56 -11.16 17.55
N VAL A 12 -6.74 -10.88 18.17
CA VAL A 12 -7.68 -9.85 17.73
C VAL A 12 -7.07 -8.44 17.94
N GLN A 13 -6.39 -8.22 19.08
CA GLN A 13 -5.73 -6.94 19.37
C GLN A 13 -4.58 -6.68 18.40
N LYS A 14 -3.81 -7.73 18.06
CA LYS A 14 -2.72 -7.69 17.10
C LYS A 14 -3.26 -7.34 15.69
N ALA A 15 -4.43 -7.92 15.33
CA ALA A 15 -5.10 -7.68 14.06
C ALA A 15 -5.53 -6.21 13.95
N LYS A 16 -6.02 -5.62 15.06
CA LYS A 16 -6.44 -4.21 15.11
C LYS A 16 -5.24 -3.27 14.97
N LEU A 17 -4.08 -3.67 15.52
CA LEU A 17 -2.82 -2.92 15.44
C LEU A 17 -2.30 -2.94 13.99
N ALA A 18 -2.33 -4.14 13.35
CA ALA A 18 -1.93 -4.36 11.97
C ALA A 18 -2.82 -3.53 11.03
N GLU A 19 -4.12 -3.41 11.34
CA GLU A 19 -5.06 -2.62 10.54
C GLU A 19 -4.65 -1.14 10.51
N GLN A 20 -4.34 -0.59 11.69
CA GLN A 20 -3.91 0.79 11.87
C GLN A 20 -2.55 1.06 11.18
N ALA A 21 -1.64 0.06 11.21
CA ALA A 21 -0.32 0.12 10.57
C ALA A 21 -0.40 -0.16 9.06
N GLU A 22 -1.61 -0.48 8.55
CA GLU A 22 -1.89 -0.84 7.15
C GLU A 22 -1.04 -2.04 6.70
N ARG A 23 -0.88 -3.03 7.59
CA ARG A 23 -0.13 -4.28 7.36
C ARG A 23 -1.18 -5.40 7.29
N TYR A 24 -1.87 -5.47 6.14
CA TYR A 24 -2.99 -6.37 5.91
C TYR A 24 -2.63 -7.85 5.80
N ASP A 25 -1.39 -8.22 5.47
CA ASP A 25 -0.98 -9.63 5.49
C ASP A 25 -0.96 -10.14 6.94
N ASP A 26 -0.44 -9.29 7.86
CA ASP A 26 -0.36 -9.55 9.31
C ASP A 26 -1.78 -9.64 9.87
N MET A 27 -2.65 -8.69 9.49
CA MET A 27 -4.04 -8.62 9.90
C MET A 27 -4.80 -9.90 9.49
N ALA A 28 -4.61 -10.37 8.24
CA ALA A 28 -5.29 -11.56 7.71
C ALA A 28 -4.79 -12.83 8.38
N ALA A 29 -3.48 -12.93 8.63
CA ALA A 29 -2.86 -14.09 9.29
C ALA A 29 -3.39 -14.24 10.74
N CYS A 30 -3.58 -13.12 11.47
CA CYS A 30 -4.13 -13.07 12.82
C CYS A 30 -5.58 -13.59 12.82
N MET A 31 -6.41 -13.07 11.91
CA MET A 31 -7.83 -13.40 11.81
C MET A 31 -8.07 -14.81 11.26
N LYS A 32 -7.16 -15.33 10.42
CA LYS A 32 -7.25 -16.70 9.91
C LYS A 32 -7.02 -17.67 11.09
N SER A 33 -6.03 -17.37 11.97
CA SER A 33 -5.74 -18.16 13.17
C SER A 33 -6.91 -18.15 14.15
N VAL A 34 -7.59 -17.00 14.30
CA VAL A 34 -8.76 -16.84 15.17
C VAL A 34 -9.87 -17.77 14.68
N THR A 35 -10.19 -17.69 13.37
CA THR A 35 -11.22 -18.48 12.69
C THR A 35 -10.96 -19.98 12.87
N GLU A 36 -9.70 -20.40 12.69
CA GLU A 36 -9.26 -21.80 12.79
C GLU A 36 -9.39 -22.40 14.20
N GLN A 37 -9.62 -21.56 15.22
CA GLN A 37 -9.84 -22.00 16.60
C GLN A 37 -11.23 -22.68 16.74
N GLY A 38 -12.08 -22.51 15.73
CA GLY A 38 -13.38 -23.15 15.62
C GLY A 38 -14.58 -22.49 16.27
N ALA A 39 -14.35 -21.47 17.11
CA ALA A 39 -15.46 -20.79 17.75
C ALA A 39 -16.07 -19.72 16.82
N GLU A 40 -17.39 -19.55 16.90
CA GLU A 40 -18.15 -18.56 16.14
C GLU A 40 -17.57 -17.16 16.38
N LEU A 41 -17.34 -16.41 15.30
CA LEU A 41 -16.79 -15.06 15.38
C LEU A 41 -17.82 -14.04 15.81
N SER A 42 -17.40 -13.05 16.58
CA SER A 42 -18.27 -11.94 16.96
C SER A 42 -18.40 -11.00 15.77
N ASN A 43 -19.27 -9.98 15.86
CA ASN A 43 -19.44 -8.96 14.83
C ASN A 43 -18.09 -8.25 14.54
N GLU A 44 -17.33 -7.92 15.59
CA GLU A 44 -16.03 -7.27 15.45
C GLU A 44 -15.02 -8.15 14.73
N GLU A 45 -14.89 -9.42 15.16
CA GLU A 45 -13.95 -10.39 14.57
C GLU A 45 -14.25 -10.65 13.09
N ARG A 46 -15.53 -10.81 12.77
CA ARG A 46 -16.07 -11.04 11.43
C ARG A 46 -15.63 -9.88 10.50
N ASN A 47 -15.77 -8.63 10.98
CA ASN A 47 -15.44 -7.42 10.24
C ASN A 47 -13.94 -7.31 10.04
N LEU A 48 -13.15 -7.63 11.09
CA LEU A 48 -11.69 -7.60 11.00
C LEU A 48 -11.20 -8.62 9.95
N LEU A 49 -11.80 -9.84 9.93
CA LEU A 49 -11.42 -10.86 8.95
C LEU A 49 -11.75 -10.36 7.53
N SER A 50 -12.96 -9.78 7.37
CA SER A 50 -13.46 -9.26 6.10
C SER A 50 -12.57 -8.13 5.54
N VAL A 51 -12.23 -7.12 6.40
CA VAL A 51 -11.39 -5.96 6.02
C VAL A 51 -9.99 -6.46 5.61
N ALA A 52 -9.39 -7.37 6.40
CA ALA A 52 -8.07 -7.93 6.15
C ALA A 52 -7.96 -8.54 4.75
N TYR A 53 -8.84 -9.50 4.44
CA TYR A 53 -8.83 -10.18 3.17
C TYR A 53 -9.26 -9.31 2.00
N LYS A 54 -10.12 -8.33 2.25
CA LYS A 54 -10.56 -7.40 1.18
C LYS A 54 -9.33 -6.64 0.66
N ASN A 55 -8.47 -6.18 1.56
CA ASN A 55 -7.26 -5.45 1.24
C ASN A 55 -6.18 -6.35 0.61
N VAL A 56 -6.04 -7.59 1.12
CA VAL A 56 -5.07 -8.56 0.60
C VAL A 56 -5.42 -8.94 -0.86
N VAL A 57 -6.70 -9.30 -1.11
CA VAL A 57 -7.16 -9.64 -2.45
C VAL A 57 -7.24 -8.38 -3.34
N GLY A 58 -7.63 -7.25 -2.74
CA GLY A 58 -7.81 -5.97 -3.42
C GLY A 58 -6.58 -5.49 -4.13
N ALA A 59 -5.39 -5.65 -3.49
CA ALA A 59 -4.10 -5.26 -4.06
C ALA A 59 -3.82 -6.06 -5.35
N ARG A 60 -4.16 -7.38 -5.36
CA ARG A 60 -4.00 -8.24 -6.53
C ARG A 60 -4.97 -7.91 -7.65
N ARG A 61 -6.24 -7.60 -7.30
CA ARG A 61 -7.25 -7.24 -8.32
C ARG A 61 -6.84 -5.94 -9.03
N SER A 62 -6.35 -4.97 -8.24
CA SER A 62 -5.87 -3.67 -8.75
C SER A 62 -4.65 -3.88 -9.68
N SER A 63 -3.67 -4.70 -9.24
CA SER A 63 -2.46 -4.99 -10.03
C SER A 63 -2.81 -5.71 -11.31
N TRP A 64 -3.77 -6.67 -11.23
CA TRP A 64 -4.27 -7.46 -12.36
C TRP A 64 -4.85 -6.53 -13.44
N ARG A 65 -5.66 -5.57 -13.04
CA ARG A 65 -6.30 -4.61 -13.98
C ARG A 65 -5.23 -3.80 -14.71
N VAL A 66 -4.22 -3.31 -13.98
CA VAL A 66 -3.14 -2.49 -14.55
C VAL A 66 -2.35 -3.30 -15.61
N VAL A 67 -1.91 -4.51 -15.24
CA VAL A 67 -1.09 -5.38 -16.06
C VAL A 67 -1.87 -5.89 -17.30
N SER A 68 -3.18 -6.21 -17.15
CA SER A 68 -4.02 -6.65 -18.28
C SER A 68 -4.18 -5.52 -19.28
N SER A 69 -4.41 -4.27 -18.80
CA SER A 69 -4.54 -3.07 -19.62
C SER A 69 -3.24 -2.84 -20.43
N ILE A 70 -2.07 -2.99 -19.77
CA ILE A 70 -0.75 -2.84 -20.43
C ILE A 70 -0.59 -3.91 -21.52
N GLU A 71 -0.91 -5.17 -21.20
CA GLU A 71 -0.83 -6.33 -22.09
C GLU A 71 -1.66 -6.13 -23.38
N GLN A 72 -2.90 -5.59 -23.22
CA GLN A 72 -3.82 -5.28 -24.33
C GLN A 72 -3.31 -4.11 -25.17
N LYS A 73 -2.73 -3.10 -24.52
CA LYS A 73 -2.22 -1.91 -25.24
C LYS A 73 -0.87 -2.23 -25.88
N THR A 74 -0.39 -3.46 -25.67
CA THR A 74 0.91 -3.88 -26.25
C THR A 74 0.64 -4.68 -27.52
N GLU A 75 -0.59 -4.66 -28.01
CA GLU A 75 -0.96 -5.38 -29.26
C GLU A 75 -0.01 -4.90 -30.36
N GLY A 76 0.88 -5.77 -30.83
CA GLY A 76 1.83 -5.38 -31.90
C GLY A 76 3.25 -5.77 -31.57
N ALA A 77 3.61 -5.80 -30.28
CA ALA A 77 4.96 -6.14 -29.81
C ALA A 77 4.91 -7.46 -29.01
N GLU A 78 5.07 -8.60 -29.72
CA GLU A 78 4.98 -9.98 -29.21
C GLU A 78 5.82 -10.30 -27.96
N LYS A 79 7.13 -9.98 -27.95
CA LYS A 79 7.99 -10.28 -26.79
C LYS A 79 7.62 -9.49 -25.54
N LYS A 80 7.31 -8.19 -25.72
CA LYS A 80 6.92 -7.28 -24.64
C LYS A 80 5.55 -7.68 -24.09
N GLN A 81 4.63 -8.09 -24.99
CA GLN A 81 3.30 -8.57 -24.61
C GLN A 81 3.41 -9.85 -23.77
N GLN A 82 4.32 -10.77 -24.15
CA GLN A 82 4.60 -12.03 -23.44
C GLN A 82 4.99 -11.77 -21.97
N MET A 83 5.82 -10.73 -21.71
CA MET A 83 6.29 -10.34 -20.37
C MET A 83 5.10 -9.91 -19.46
N ALA A 84 4.20 -9.06 -19.99
CA ALA A 84 3.01 -8.57 -19.30
C ALA A 84 2.05 -9.74 -19.05
N ARG A 85 1.92 -10.68 -20.00
CA ARG A 85 1.08 -11.86 -19.88
C ARG A 85 1.58 -12.79 -18.78
N GLU A 86 2.90 -13.07 -18.73
CA GLU A 86 3.49 -13.91 -17.68
C GLU A 86 3.39 -13.27 -16.29
N TYR A 87 3.44 -11.92 -16.22
CA TYR A 87 3.28 -11.17 -14.98
C TYR A 87 1.82 -11.20 -14.52
N ARG A 88 0.85 -11.04 -15.45
CA ARG A 88 -0.58 -11.15 -15.17
C ARG A 88 -0.92 -12.55 -14.58
N GLU A 89 -0.31 -13.61 -15.16
CA GLU A 89 -0.51 -15.00 -14.72
C GLU A 89 0.02 -15.21 -13.31
N LYS A 90 1.19 -14.62 -12.99
CA LYS A 90 1.79 -14.67 -11.66
C LYS A 90 0.84 -14.01 -10.61
N ILE A 91 0.25 -12.84 -10.97
CA ILE A 91 -0.70 -12.10 -10.12
C ILE A 91 -1.96 -12.94 -9.90
N GLU A 92 -2.48 -13.58 -10.99
CA GLU A 92 -3.66 -14.47 -10.97
C GLU A 92 -3.49 -15.63 -10.02
N THR A 93 -2.29 -16.24 -9.99
CA THR A 93 -1.97 -17.36 -9.11
C THR A 93 -2.10 -16.91 -7.64
N GLU A 94 -1.53 -15.72 -7.30
CA GLU A 94 -1.63 -15.16 -5.94
C GLU A 94 -3.10 -14.91 -5.59
N LEU A 95 -3.84 -14.25 -6.50
CA LEU A 95 -5.26 -13.94 -6.37
C LEU A 95 -6.08 -15.21 -6.09
N ARG A 96 -5.86 -16.28 -6.87
CA ARG A 96 -6.57 -17.56 -6.71
C ARG A 96 -6.26 -18.21 -5.37
N ASP A 97 -4.99 -18.15 -4.92
CA ASP A 97 -4.54 -18.69 -3.64
C ASP A 97 -5.23 -17.99 -2.45
N ILE A 98 -5.39 -16.65 -2.53
CA ILE A 98 -6.06 -15.83 -1.51
C ILE A 98 -7.56 -16.18 -1.47
N CYS A 99 -8.22 -16.21 -2.66
CA CYS A 99 -9.64 -16.55 -2.76
C CYS A 99 -9.91 -17.95 -2.22
N ASN A 100 -9.05 -18.92 -2.59
CA ASN A 100 -9.20 -20.29 -2.11
C ASN A 100 -9.02 -20.39 -0.60
N ASP A 101 -8.18 -19.52 -0.05
CA ASP A 101 -7.90 -19.44 1.40
C ASP A 101 -9.21 -19.03 2.11
N VAL A 102 -9.79 -17.92 1.68
CA VAL A 102 -11.04 -17.37 2.22
C VAL A 102 -12.21 -18.35 2.09
N LEU A 103 -12.40 -18.91 0.89
CA LEU A 103 -13.49 -19.83 0.60
C LEU A 103 -13.42 -21.10 1.43
N SER A 104 -12.20 -21.52 1.77
CA SER A 104 -11.93 -22.68 2.61
C SER A 104 -12.35 -22.35 4.07
N LEU A 105 -12.03 -21.13 4.55
CA LEU A 105 -12.42 -20.67 5.90
C LEU A 105 -13.95 -20.61 6.01
N LEU A 106 -14.64 -20.09 4.97
CA LEU A 106 -16.09 -19.98 4.92
C LEU A 106 -16.76 -21.34 4.95
N GLU A 107 -16.27 -22.31 4.18
CA GLU A 107 -16.93 -23.64 4.14
C GLU A 107 -16.65 -24.45 5.41
N LYS A 108 -15.41 -24.46 5.89
CA LYS A 108 -15.05 -25.27 7.04
C LYS A 108 -15.49 -24.70 8.40
N PHE A 109 -15.43 -23.37 8.59
CA PHE A 109 -15.75 -22.78 9.90
C PHE A 109 -16.90 -21.80 9.94
N LEU A 110 -16.85 -20.76 9.10
CA LEU A 110 -17.78 -19.64 9.14
C LEU A 110 -19.24 -19.96 8.82
N ILE A 111 -19.55 -20.50 7.63
CA ILE A 111 -20.93 -20.80 7.24
C ILE A 111 -21.56 -21.89 8.15
N PRO A 112 -20.89 -23.04 8.47
CA PRO A 112 -21.55 -24.04 9.35
C PRO A 112 -21.85 -23.58 10.77
N ASN A 113 -20.99 -22.70 11.36
CA ASN A 113 -21.17 -22.22 12.73
C ASN A 113 -22.02 -20.94 12.88
N ALA A 114 -22.44 -20.30 11.77
CA ALA A 114 -23.25 -19.05 11.82
C ALA A 114 -24.62 -19.38 12.45
N SER A 115 -24.87 -18.85 13.65
CA SER A 115 -26.07 -19.16 14.46
C SER A 115 -27.21 -18.14 14.33
N GLN A 116 -27.01 -17.07 13.59
CA GLN A 116 -27.98 -15.99 13.34
C GLN A 116 -28.09 -15.73 11.85
N ALA A 117 -29.24 -15.20 11.39
CA ALA A 117 -29.49 -14.83 9.99
C ALA A 117 -28.49 -13.79 9.50
N GLU A 118 -28.19 -12.80 10.35
CA GLU A 118 -27.24 -11.71 10.10
C GLU A 118 -25.87 -12.23 9.70
N SER A 119 -25.29 -13.14 10.52
CA SER A 119 -23.98 -13.71 10.24
C SER A 119 -24.03 -14.70 9.06
N LYS A 120 -25.13 -15.47 8.93
CA LYS A 120 -25.27 -16.38 7.80
C LYS A 120 -25.29 -15.59 6.45
N VAL A 121 -26.06 -14.48 6.38
CA VAL A 121 -26.14 -13.60 5.20
C VAL A 121 -24.75 -13.02 4.90
N PHE A 122 -24.04 -12.56 5.96
CA PHE A 122 -22.71 -11.96 5.87
C PHE A 122 -21.72 -12.90 5.17
N TYR A 123 -21.67 -14.16 5.63
CA TYR A 123 -20.75 -15.17 5.12
C TYR A 123 -21.10 -15.66 3.73
N LEU A 124 -22.40 -15.77 3.41
CA LEU A 124 -22.84 -16.19 2.08
C LEU A 124 -22.56 -15.09 1.04
N LYS A 125 -22.67 -13.80 1.44
CA LYS A 125 -22.35 -12.66 0.57
C LYS A 125 -20.85 -12.71 0.27
N MET A 126 -20.05 -12.98 1.32
CA MET A 126 -18.59 -13.10 1.27
C MET A 126 -18.19 -14.25 0.31
N LYS A 127 -18.91 -15.38 0.38
CA LYS A 127 -18.70 -16.52 -0.52
C LYS A 127 -19.00 -16.07 -1.98
N GLY A 128 -20.08 -15.30 -2.15
CA GLY A 128 -20.47 -14.76 -3.44
C GLY A 128 -19.37 -13.87 -4.01
N ASP A 129 -18.79 -13.00 -3.15
CA ASP A 129 -17.73 -12.05 -3.51
C ASP A 129 -16.45 -12.74 -3.95
N TYR A 130 -15.97 -13.74 -3.21
CA TYR A 130 -14.70 -14.39 -3.51
C TYR A 130 -14.79 -15.33 -4.70
N TYR A 131 -15.99 -15.87 -5.02
CA TYR A 131 -16.15 -16.65 -6.25
C TYR A 131 -16.22 -15.67 -7.42
N ARG A 132 -16.79 -14.45 -7.21
CA ARG A 132 -16.89 -13.39 -8.21
C ARG A 132 -15.46 -12.92 -8.58
N TYR A 133 -14.56 -12.79 -7.60
CA TYR A 133 -13.17 -12.39 -7.84
C TYR A 133 -12.43 -13.47 -8.64
N LEU A 134 -12.78 -14.75 -8.40
CA LEU A 134 -12.22 -15.87 -9.14
C LEU A 134 -12.75 -15.84 -10.57
N ALA A 135 -14.05 -15.50 -10.73
CA ALA A 135 -14.73 -15.40 -12.02
C ALA A 135 -14.11 -14.31 -12.91
N GLU A 136 -13.64 -13.20 -12.31
CA GLU A 136 -13.00 -12.07 -13.02
C GLU A 136 -11.71 -12.49 -13.75
N VAL A 137 -11.01 -13.53 -13.25
CA VAL A 137 -9.74 -14.02 -13.81
C VAL A 137 -9.84 -15.46 -14.36
N ALA A 138 -11.07 -15.98 -14.49
CA ALA A 138 -11.27 -17.36 -14.99
C ALA A 138 -11.60 -17.37 -16.48
N ALA A 139 -11.45 -18.53 -17.12
CA ALA A 139 -11.73 -18.61 -18.57
C ALA A 139 -12.47 -19.90 -18.95
N GLY A 140 -13.43 -19.76 -19.87
CA GLY A 140 -14.22 -20.84 -20.47
C GLY A 140 -14.96 -21.78 -19.55
N ASP A 141 -14.51 -23.03 -19.52
CA ASP A 141 -15.13 -24.20 -18.83
C ASP A 141 -15.20 -24.11 -17.30
N ASP A 142 -14.11 -23.76 -16.63
CA ASP A 142 -14.17 -23.74 -15.14
C ASP A 142 -14.84 -22.43 -14.71
N LYS A 143 -14.73 -21.41 -15.54
CA LYS A 143 -15.42 -20.15 -15.30
C LYS A 143 -16.91 -20.38 -15.03
N LYS A 144 -17.56 -21.20 -15.86
CA LYS A 144 -19.01 -21.48 -15.73
C LYS A 144 -19.36 -21.99 -14.33
N GLY A 145 -18.59 -22.94 -13.80
CA GLY A 145 -18.80 -23.51 -12.47
C GLY A 145 -18.60 -22.48 -11.37
N ILE A 146 -17.53 -21.67 -11.49
CA ILE A 146 -17.19 -20.59 -10.57
C ILE A 146 -18.32 -19.55 -10.54
N VAL A 147 -18.80 -19.13 -11.73
CA VAL A 147 -19.91 -18.16 -11.87
C VAL A 147 -21.18 -18.70 -11.18
N ASP A 148 -21.44 -20.01 -11.35
CA ASP A 148 -22.59 -20.68 -10.73
C ASP A 148 -22.49 -20.70 -9.21
N GLN A 149 -21.29 -20.98 -8.67
CA GLN A 149 -21.02 -20.97 -7.23
C GLN A 149 -21.27 -19.57 -6.66
N SER A 150 -20.82 -18.50 -7.37
CA SER A 150 -21.02 -17.12 -6.94
C SER A 150 -22.50 -16.78 -6.87
N GLN A 151 -23.25 -17.07 -7.96
CA GLN A 151 -24.68 -16.81 -8.06
C GLN A 151 -25.50 -17.52 -6.97
N GLN A 152 -25.17 -18.81 -6.68
CA GLN A 152 -25.86 -19.63 -5.67
C GLN A 152 -25.66 -19.08 -4.27
N ALA A 153 -24.41 -18.66 -3.93
CA ALA A 153 -24.09 -18.07 -2.64
C ALA A 153 -24.88 -16.76 -2.47
N TYR A 154 -24.80 -15.85 -3.46
CA TYR A 154 -25.53 -14.58 -3.45
C TYR A 154 -27.05 -14.76 -3.37
N GLN A 155 -27.60 -15.76 -4.10
CA GLN A 155 -29.04 -16.04 -4.13
C GLN A 155 -29.57 -16.49 -2.77
N GLU A 156 -28.86 -17.44 -2.11
CA GLU A 156 -29.24 -17.90 -0.77
C GLU A 156 -29.14 -16.74 0.24
N ALA A 157 -28.09 -15.91 0.15
CA ALA A 157 -27.94 -14.75 1.03
C ALA A 157 -29.07 -13.75 0.78
N PHE A 158 -29.44 -13.54 -0.49
CA PHE A 158 -30.51 -12.64 -0.92
C PHE A 158 -31.87 -13.03 -0.33
N GLU A 159 -32.21 -14.34 -0.40
CA GLU A 159 -33.48 -14.87 0.11
C GLU A 159 -33.60 -14.75 1.64
N ILE A 160 -32.52 -15.09 2.38
CA ILE A 160 -32.48 -14.98 3.85
C ILE A 160 -32.62 -13.51 4.27
N SER A 161 -31.89 -12.59 3.60
CA SER A 161 -31.92 -11.16 3.94
C SER A 161 -33.31 -10.53 3.74
N LYS A 162 -34.01 -10.90 2.65
CA LYS A 162 -35.36 -10.39 2.35
C LYS A 162 -36.36 -10.85 3.40
N LYS A 163 -36.11 -12.04 3.95
CA LYS A 163 -37.00 -12.70 4.94
C LYS A 163 -36.70 -12.24 6.36
N GLU A 164 -35.43 -12.07 6.71
CA GLU A 164 -35.01 -11.80 8.09
C GLU A 164 -34.50 -10.41 8.40
N MET A 165 -34.12 -9.61 7.42
CA MET A 165 -33.55 -8.29 7.70
C MET A 165 -34.40 -7.16 7.16
N GLN A 166 -34.24 -5.98 7.74
CA GLN A 166 -34.94 -4.76 7.33
C GLN A 166 -34.30 -4.20 6.04
N PRO A 167 -35.08 -3.51 5.16
CA PRO A 167 -34.48 -2.99 3.90
C PRO A 167 -33.30 -2.03 4.07
N THR A 168 -33.18 -1.38 5.25
CA THR A 168 -32.08 -0.45 5.53
C THR A 168 -30.87 -1.12 6.20
N HIS A 169 -30.96 -2.42 6.53
CA HIS A 169 -29.84 -3.13 7.17
C HIS A 169 -28.58 -3.06 6.28
N PRO A 170 -27.43 -2.56 6.81
CA PRO A 170 -26.21 -2.46 5.96
C PRO A 170 -25.78 -3.75 5.27
N ILE A 171 -26.00 -4.91 5.90
CA ILE A 171 -25.63 -6.19 5.32
C ILE A 171 -26.57 -6.53 4.15
N ARG A 172 -27.88 -6.31 4.34
CA ARG A 172 -28.86 -6.52 3.27
C ARG A 172 -28.54 -5.60 2.07
N LEU A 173 -28.28 -4.30 2.35
CA LEU A 173 -27.93 -3.30 1.33
C LEU A 173 -26.63 -3.64 0.61
N GLY A 174 -25.60 -4.00 1.39
CA GLY A 174 -24.27 -4.36 0.87
C GLY A 174 -24.35 -5.56 -0.04
N LEU A 175 -25.21 -6.52 0.31
CA LEU A 175 -25.43 -7.71 -0.50
C LEU A 175 -26.09 -7.33 -1.83
N ALA A 176 -27.12 -6.48 -1.79
CA ALA A 176 -27.82 -6.04 -3.00
C ALA A 176 -26.84 -5.29 -3.92
N LEU A 177 -25.91 -4.49 -3.34
CA LEU A 177 -24.89 -3.77 -4.09
C LEU A 177 -23.96 -4.74 -4.85
N ASN A 178 -23.40 -5.74 -4.16
CA ASN A 178 -22.49 -6.71 -4.75
C ASN A 178 -23.17 -7.67 -5.72
N PHE A 179 -24.41 -8.12 -5.40
CA PHE A 179 -25.18 -9.02 -6.27
C PHE A 179 -25.51 -8.30 -7.58
N SER A 180 -25.86 -6.99 -7.52
CA SER A 180 -26.13 -6.19 -8.73
C SER A 180 -24.83 -6.03 -9.56
N VAL A 181 -23.66 -5.83 -8.88
CA VAL A 181 -22.35 -5.74 -9.54
C VAL A 181 -22.09 -7.08 -10.29
N PHE A 182 -22.40 -8.22 -9.64
CA PHE A 182 -22.23 -9.55 -10.23
C PHE A 182 -23.06 -9.68 -11.53
N TYR A 183 -24.34 -9.26 -11.53
CA TYR A 183 -25.19 -9.32 -12.73
C TYR A 183 -24.63 -8.46 -13.85
N TYR A 184 -24.16 -7.24 -13.52
CA TYR A 184 -23.62 -6.32 -14.52
C TYR A 184 -22.28 -6.79 -15.09
N GLU A 185 -21.30 -7.02 -14.22
CA GLU A 185 -19.92 -7.35 -14.59
C GLU A 185 -19.66 -8.80 -14.95
N ILE A 186 -20.31 -9.76 -14.27
CA ILE A 186 -20.01 -11.17 -14.51
C ILE A 186 -21.00 -11.78 -15.49
N LEU A 187 -22.30 -11.53 -15.33
CA LEU A 187 -23.34 -12.15 -16.21
C LEU A 187 -23.69 -11.23 -17.41
N ASN A 188 -23.13 -10.03 -17.44
CA ASN A 188 -23.38 -9.06 -18.51
C ASN A 188 -24.89 -8.81 -18.71
N SER A 189 -25.59 -8.63 -17.60
CA SER A 189 -27.03 -8.38 -17.57
C SER A 189 -27.30 -6.99 -16.96
N PRO A 190 -27.14 -5.89 -17.73
CA PRO A 190 -27.34 -4.54 -17.15
C PRO A 190 -28.75 -4.29 -16.60
N GLU A 191 -29.78 -4.86 -17.23
CA GLU A 191 -31.16 -4.64 -16.79
C GLU A 191 -31.48 -5.34 -15.46
N LYS A 192 -30.99 -6.56 -15.27
CA LYS A 192 -31.21 -7.27 -14.00
C LYS A 192 -30.41 -6.56 -12.89
N ALA A 193 -29.20 -6.11 -13.19
CA ALA A 193 -28.34 -5.37 -12.27
C ALA A 193 -29.02 -4.06 -11.82
N CYS A 194 -29.59 -3.31 -12.78
CA CYS A 194 -30.33 -2.07 -12.53
C CYS A 194 -31.59 -2.30 -11.72
N SER A 195 -32.35 -3.36 -12.04
CA SER A 195 -33.57 -3.74 -11.35
C SER A 195 -33.31 -4.10 -9.87
N LEU A 196 -32.26 -4.91 -9.62
CA LEU A 196 -31.84 -5.33 -8.28
C LEU A 196 -31.41 -4.10 -7.44
N ALA A 197 -30.55 -3.23 -8.01
CA ALA A 197 -30.05 -2.02 -7.36
C ALA A 197 -31.17 -0.99 -7.06
N LYS A 198 -32.05 -0.74 -8.04
CA LYS A 198 -33.17 0.20 -7.90
C LYS A 198 -34.18 -0.25 -6.82
N THR A 199 -34.54 -1.55 -6.81
CA THR A 199 -35.47 -2.12 -5.82
C THR A 199 -34.90 -1.94 -4.41
N ALA A 200 -33.60 -2.29 -4.22
CA ALA A 200 -32.91 -2.18 -2.94
C ALA A 200 -32.88 -0.73 -2.45
N PHE A 201 -32.58 0.22 -3.34
CA PHE A 201 -32.53 1.66 -3.01
C PHE A 201 -33.92 2.18 -2.61
N ASP A 202 -34.95 1.93 -3.45
CA ASP A 202 -36.34 2.36 -3.23
C ASP A 202 -36.97 1.79 -1.98
N GLU A 203 -36.70 0.51 -1.66
CA GLU A 203 -37.23 -0.12 -0.44
C GLU A 203 -36.59 0.46 0.82
N ALA A 204 -35.30 0.84 0.76
CA ALA A 204 -34.59 1.46 1.88
C ALA A 204 -35.07 2.92 2.09
N ILE A 205 -35.28 3.68 0.98
CA ILE A 205 -35.79 5.06 0.97
C ILE A 205 -37.20 5.13 1.62
N ALA A 206 -38.05 4.13 1.35
CA ALA A 206 -39.43 4.05 1.88
C ALA A 206 -39.48 3.77 3.41
N GLU A 207 -38.40 3.22 3.98
CA GLU A 207 -38.33 2.87 5.41
C GLU A 207 -37.13 3.50 6.11
N LEU A 208 -36.88 4.81 5.92
CA LEU A 208 -35.72 5.47 6.57
C LEU A 208 -35.88 5.63 8.09
N ASP A 209 -37.09 5.36 8.58
CA ASP A 209 -37.44 5.43 10.02
C ASP A 209 -36.83 4.24 10.75
N THR A 210 -36.43 3.20 10.01
CA THR A 210 -35.85 1.96 10.60
C THR A 210 -34.34 2.10 10.75
N LEU A 211 -33.77 3.23 10.35
CA LEU A 211 -32.30 3.41 10.49
C LEU A 211 -31.96 3.50 11.98
N SER A 212 -30.82 2.92 12.35
CA SER A 212 -30.29 2.96 13.74
C SER A 212 -29.07 3.89 13.75
N GLU A 213 -28.80 4.51 14.89
CA GLU A 213 -27.65 5.41 15.05
C GLU A 213 -26.30 4.69 14.86
N GLU A 214 -26.25 3.40 15.23
CA GLU A 214 -25.06 2.54 15.13
C GLU A 214 -24.69 2.20 13.68
N SER A 215 -25.68 2.19 12.77
CA SER A 215 -25.43 1.77 11.39
C SER A 215 -26.05 2.67 10.28
N TYR A 216 -26.57 3.88 10.61
CA TYR A 216 -27.14 4.78 9.59
C TYR A 216 -26.08 5.29 8.61
N LYS A 217 -24.81 5.42 9.07
CA LYS A 217 -23.70 5.88 8.23
C LYS A 217 -23.37 4.86 7.15
N ASP A 218 -23.29 3.56 7.54
CA ASP A 218 -23.02 2.49 6.61
C ASP A 218 -24.16 2.32 5.61
N SER A 219 -25.42 2.33 6.10
CA SER A 219 -26.63 2.19 5.28
C SER A 219 -26.73 3.27 4.20
N THR A 220 -26.61 4.55 4.61
CA THR A 220 -26.70 5.68 3.68
C THR A 220 -25.56 5.71 2.67
N LEU A 221 -24.34 5.27 3.09
CA LEU A 221 -23.19 5.21 2.19
C LEU A 221 -23.44 4.15 1.09
N ILE A 222 -23.97 2.97 1.46
CA ILE A 222 -24.28 1.91 0.50
C ILE A 222 -25.41 2.35 -0.45
N MET A 223 -26.41 3.07 0.06
CA MET A 223 -27.52 3.60 -0.73
C MET A 223 -26.99 4.54 -1.81
N GLN A 224 -26.00 5.38 -1.45
CA GLN A 224 -25.32 6.29 -2.36
C GLN A 224 -24.56 5.52 -3.44
N LEU A 225 -23.88 4.41 -3.05
CA LEU A 225 -23.15 3.55 -3.98
C LEU A 225 -24.10 2.84 -4.94
N LEU A 226 -25.27 2.36 -4.44
CA LEU A 226 -26.30 1.72 -5.27
C LEU A 226 -26.79 2.67 -6.35
N ARG A 227 -27.09 3.93 -5.97
CA ARG A 227 -27.57 4.96 -6.91
C ARG A 227 -26.46 5.42 -7.88
N ASP A 228 -25.19 5.47 -7.42
CA ASP A 228 -24.05 5.82 -8.28
C ASP A 228 -23.93 4.79 -9.42
N ASN A 229 -24.08 3.48 -9.09
CA ASN A 229 -24.03 2.39 -10.06
C ASN A 229 -25.15 2.50 -11.07
N LEU A 230 -26.38 2.77 -10.59
CA LEU A 230 -27.58 2.95 -11.41
C LEU A 230 -27.39 4.07 -12.42
N THR A 231 -26.85 5.22 -11.98
CA THR A 231 -26.56 6.39 -12.81
C THR A 231 -25.56 6.03 -13.91
N LEU A 232 -24.49 5.31 -13.55
CA LEU A 232 -23.43 4.85 -14.45
C LEU A 232 -23.96 3.84 -15.48
N TRP A 233 -24.77 2.87 -15.04
CA TRP A 233 -25.32 1.80 -15.88
C TRP A 233 -26.49 2.23 -16.78
N THR A 234 -27.11 3.40 -16.51
CA THR A 234 -28.24 3.91 -17.31
C THR A 234 -27.84 5.11 -18.20
N SER A 235 -26.55 5.50 -18.16
CA SER A 235 -26.00 6.61 -18.95
C SER A 235 -25.54 6.15 -20.35
N MET B 6 20.47 -7.52 -23.07
CA MET B 6 19.02 -7.84 -23.25
C MET B 6 18.47 -8.43 -21.94
N ASP B 7 19.28 -9.17 -21.19
CA ASP B 7 18.85 -9.72 -19.88
C ASP B 7 18.69 -8.55 -18.88
N LYS B 8 19.66 -7.68 -18.77
CA LYS B 8 19.51 -6.55 -17.90
C LYS B 8 18.31 -5.73 -18.35
N ASN B 9 18.17 -5.51 -19.64
CA ASN B 9 17.03 -4.75 -20.17
C ASN B 9 15.67 -5.39 -19.82
N GLU B 10 15.63 -6.71 -19.71
CA GLU B 10 14.38 -7.42 -19.36
C GLU B 10 14.06 -7.17 -17.88
N LEU B 11 15.05 -7.28 -17.00
CA LEU B 11 14.90 -7.00 -15.56
C LEU B 11 14.41 -5.57 -15.32
N VAL B 12 14.90 -4.61 -16.12
CA VAL B 12 14.51 -3.20 -16.05
C VAL B 12 13.04 -3.03 -16.51
N GLN B 13 12.64 -3.74 -17.57
CA GLN B 13 11.27 -3.71 -18.09
C GLN B 13 10.29 -4.32 -17.08
N LYS B 14 10.71 -5.41 -16.41
CA LYS B 14 9.92 -6.10 -15.38
C LYS B 14 9.75 -5.15 -14.17
N ALA B 15 10.81 -4.38 -13.81
CA ALA B 15 10.80 -3.41 -12.70
C ALA B 15 9.81 -2.29 -13.01
N LYS B 16 9.76 -1.85 -14.28
CA LYS B 16 8.83 -0.78 -14.71
C LYS B 16 7.38 -1.26 -14.67
N LEU B 17 7.14 -2.57 -14.96
CA LEU B 17 5.83 -3.22 -14.92
C LEU B 17 5.36 -3.32 -13.46
N ALA B 18 6.27 -3.75 -12.56
CA ALA B 18 6.04 -3.86 -11.12
C ALA B 18 5.71 -2.49 -10.53
N GLU B 19 6.39 -1.42 -11.00
CA GLU B 19 6.12 -0.04 -10.54
C GLU B 19 4.68 0.37 -10.84
N GLN B 20 4.22 0.11 -12.07
CA GLN B 20 2.87 0.43 -12.54
C GLN B 20 1.81 -0.38 -11.78
N ALA B 21 2.13 -1.66 -11.44
CA ALA B 21 1.26 -2.57 -10.68
C ALA B 21 1.32 -2.28 -9.17
N GLU B 22 2.18 -1.31 -8.74
CA GLU B 22 2.44 -0.93 -7.36
C GLU B 22 2.89 -2.14 -6.49
N ARG B 23 3.76 -2.99 -7.10
CA ARG B 23 4.32 -4.18 -6.47
C ARG B 23 5.81 -3.88 -6.23
N TYR B 24 6.09 -3.10 -5.18
CA TYR B 24 7.42 -2.57 -4.89
C TYR B 24 8.43 -3.60 -4.38
N ASP B 25 7.99 -4.74 -3.83
CA ASP B 25 8.93 -5.80 -3.45
C ASP B 25 9.53 -6.43 -4.72
N ASP B 26 8.67 -6.63 -5.75
CA ASP B 26 9.04 -7.17 -7.06
C ASP B 26 9.97 -6.17 -7.78
N MET B 27 9.61 -4.88 -7.73
CA MET B 27 10.40 -3.80 -8.32
C MET B 27 11.81 -3.72 -7.72
N ALA B 28 11.92 -3.83 -6.37
CA ALA B 28 13.18 -3.77 -5.66
C ALA B 28 14.04 -4.99 -5.94
N ALA B 29 13.42 -6.19 -6.03
CA ALA B 29 14.12 -7.45 -6.33
C ALA B 29 14.73 -7.42 -7.74
N CYS B 30 14.01 -6.84 -8.72
CA CYS B 30 14.49 -6.68 -10.11
C CYS B 30 15.72 -5.75 -10.14
N MET B 31 15.62 -4.58 -9.47
CA MET B 31 16.67 -3.57 -9.44
C MET B 31 17.88 -3.99 -8.61
N LYS B 32 17.67 -4.81 -7.56
CA LYS B 32 18.77 -5.36 -6.75
C LYS B 32 19.59 -6.32 -7.64
N SER B 33 18.92 -7.15 -8.46
CA SER B 33 19.57 -8.08 -9.40
C SER B 33 20.36 -7.34 -10.48
N VAL B 34 19.82 -6.21 -10.96
CA VAL B 34 20.48 -5.35 -11.97
C VAL B 34 21.80 -4.82 -11.37
N THR B 35 21.71 -4.23 -10.16
CA THR B 35 22.84 -3.66 -9.40
C THR B 35 23.94 -4.71 -9.18
N GLU B 36 23.54 -5.92 -8.78
CA GLU B 36 24.44 -7.05 -8.50
C GLU B 36 25.20 -7.56 -9.72
N GLN B 37 24.80 -7.15 -10.95
CA GLN B 37 25.50 -7.50 -12.18
C GLN B 37 26.85 -6.77 -12.28
N GLY B 38 27.04 -5.75 -11.44
CA GLY B 38 28.30 -5.02 -11.29
C GLY B 38 28.52 -3.84 -12.19
N ALA B 39 27.68 -3.64 -13.22
CA ALA B 39 27.85 -2.51 -14.12
C ALA B 39 27.20 -1.26 -13.53
N GLU B 40 27.81 -0.10 -13.80
CA GLU B 40 27.34 1.20 -13.36
C GLU B 40 25.90 1.42 -13.92
N LEU B 41 24.99 1.88 -13.05
CA LEU B 41 23.59 2.10 -13.40
C LEU B 41 23.41 3.39 -14.18
N SER B 42 22.46 3.37 -15.14
CA SER B 42 22.11 4.60 -15.87
C SER B 42 21.26 5.46 -14.94
N ASN B 43 20.93 6.69 -15.37
CA ASN B 43 20.07 7.61 -14.62
C ASN B 43 18.69 6.95 -14.38
N GLU B 44 18.13 6.28 -15.40
CA GLU B 44 16.83 5.59 -15.30
C GLU B 44 16.87 4.44 -14.29
N GLU B 45 17.89 3.57 -14.37
CA GLU B 45 18.06 2.43 -13.48
C GLU B 45 18.24 2.86 -12.01
N ARG B 46 19.05 3.90 -11.79
CA ARG B 46 19.36 4.53 -10.51
C ARG B 46 18.05 4.99 -9.84
N ASN B 47 17.18 5.67 -10.61
CA ASN B 47 15.90 6.18 -10.18
C ASN B 47 14.91 5.06 -9.89
N LEU B 48 14.89 4.00 -10.73
CA LEU B 48 14.03 2.84 -10.50
C LEU B 48 14.42 2.12 -9.19
N LEU B 49 15.74 1.97 -8.93
CA LEU B 49 16.21 1.34 -7.69
C LEU B 49 15.81 2.20 -6.47
N SER B 50 15.97 3.54 -6.59
CA SER B 50 15.66 4.52 -5.56
C SER B 50 14.15 4.51 -5.22
N VAL B 51 13.26 4.56 -6.24
CA VAL B 51 11.80 4.54 -6.09
C VAL B 51 11.36 3.23 -5.40
N ALA B 52 11.88 2.08 -5.88
CA ALA B 52 11.55 0.75 -5.34
C ALA B 52 11.80 0.68 -3.82
N TYR B 53 13.03 0.99 -3.37
CA TYR B 53 13.40 0.93 -1.97
C TYR B 53 12.79 2.02 -1.13
N LYS B 54 12.50 3.17 -1.69
CA LYS B 54 11.80 4.21 -0.97
C LYS B 54 10.44 3.75 -0.53
N ASN B 55 9.71 3.10 -1.42
CA ASN B 55 8.38 2.56 -1.13
C ASN B 55 8.43 1.39 -0.16
N VAL B 56 9.42 0.49 -0.33
CA VAL B 56 9.62 -0.68 0.55
C VAL B 56 9.92 -0.24 2.00
N VAL B 57 10.91 0.67 2.17
CA VAL B 57 11.26 1.20 3.49
C VAL B 57 10.17 2.16 4.01
N GLY B 58 9.57 2.93 3.11
CA GLY B 58 8.55 3.93 3.41
C GLY B 58 7.34 3.36 4.12
N ALA B 59 6.89 2.15 3.70
CA ALA B 59 5.76 1.45 4.31
C ALA B 59 6.08 1.12 5.78
N ARG B 60 7.33 0.70 6.08
CA ARG B 60 7.77 0.38 7.44
C ARG B 60 7.90 1.64 8.30
N ARG B 61 8.42 2.76 7.75
CA ARG B 61 8.56 4.01 8.51
C ARG B 61 7.18 4.52 8.90
N SER B 62 6.22 4.47 7.95
CA SER B 62 4.84 4.88 8.16
C SER B 62 4.17 4.03 9.24
N SER B 63 4.33 2.67 9.16
CA SER B 63 3.75 1.74 10.14
C SER B 63 4.34 1.96 11.51
N TRP B 64 5.67 2.22 11.57
CA TRP B 64 6.41 2.49 12.80
C TRP B 64 5.84 3.72 13.52
N ARG B 65 5.60 4.81 12.77
CA ARG B 65 5.03 6.05 13.31
C ARG B 65 3.64 5.84 13.90
N VAL B 66 2.80 5.05 13.23
CA VAL B 66 1.43 4.74 13.68
C VAL B 66 1.45 3.94 15.00
N VAL B 67 2.26 2.86 15.04
CA VAL B 67 2.37 1.95 16.17
C VAL B 67 3.02 2.66 17.38
N SER B 68 3.99 3.57 17.15
CA SER B 68 4.65 4.36 18.22
C SER B 68 3.69 5.32 18.86
N SER B 69 2.84 5.97 18.04
CA SER B 69 1.80 6.90 18.47
C SER B 69 0.77 6.15 19.34
N ILE B 70 0.36 4.93 18.92
CA ILE B 70 -0.58 4.07 19.66
C ILE B 70 0.03 3.68 21.02
N GLU B 71 1.33 3.27 21.00
CA GLU B 71 2.10 2.87 22.19
C GLU B 71 2.13 4.01 23.23
N GLN B 72 2.30 5.26 22.77
CA GLN B 72 2.30 6.44 23.64
C GLN B 72 0.89 6.72 24.21
N LYS B 73 -0.15 6.59 23.37
CA LYS B 73 -1.55 6.83 23.73
C LYS B 73 -2.17 5.75 24.65
N THR B 74 -1.54 4.56 24.74
CA THR B 74 -2.06 3.46 25.55
C THR B 74 -1.37 3.37 26.93
N GLU B 75 -0.67 4.46 27.36
CA GLU B 75 -0.06 4.49 28.69
C GLU B 75 -1.21 4.37 29.72
N GLY B 76 -1.07 3.41 30.64
CA GLY B 76 -2.10 3.10 31.62
C GLY B 76 -2.73 1.73 31.41
N ALA B 77 -2.84 1.31 30.12
CA ALA B 77 -3.36 0.01 29.70
C ALA B 77 -2.12 -0.87 29.41
N GLU B 78 -1.67 -1.64 30.42
CA GLU B 78 -0.47 -2.46 30.37
C GLU B 78 -0.44 -3.51 29.25
N LYS B 79 -1.56 -4.22 29.01
CA LYS B 79 -1.65 -5.26 27.97
C LYS B 79 -1.57 -4.67 26.55
N LYS B 80 -2.33 -3.58 26.31
CA LYS B 80 -2.39 -2.85 25.03
C LYS B 80 -1.04 -2.22 24.71
N GLN B 81 -0.41 -1.56 25.70
CA GLN B 81 0.89 -0.91 25.49
C GLN B 81 2.01 -1.94 25.18
N GLN B 82 2.04 -3.08 25.89
CA GLN B 82 3.04 -4.14 25.67
C GLN B 82 2.92 -4.71 24.26
N MET B 83 1.67 -4.86 23.77
CA MET B 83 1.40 -5.38 22.43
C MET B 83 1.88 -4.41 21.36
N ALA B 84 1.59 -3.10 21.54
CA ALA B 84 2.03 -2.03 20.64
C ALA B 84 3.57 -1.97 20.61
N ARG B 85 4.23 -2.16 21.78
CA ARG B 85 5.70 -2.18 21.90
C ARG B 85 6.31 -3.34 21.09
N GLU B 86 5.79 -4.57 21.24
CA GLU B 86 6.29 -5.75 20.54
C GLU B 86 6.06 -5.72 19.03
N TYR B 87 4.95 -5.11 18.58
CA TYR B 87 4.65 -4.99 17.15
C TYR B 87 5.58 -3.94 16.55
N ARG B 88 5.89 -2.86 17.30
CA ARG B 88 6.86 -1.83 16.91
C ARG B 88 8.24 -2.49 16.72
N GLU B 89 8.63 -3.39 17.64
CA GLU B 89 9.92 -4.10 17.57
C GLU B 89 10.05 -4.99 16.32
N LYS B 90 8.93 -5.64 15.91
CA LYS B 90 8.83 -6.47 14.71
C LYS B 90 9.01 -5.61 13.43
N ILE B 91 8.35 -4.42 13.40
CA ILE B 91 8.44 -3.47 12.27
C ILE B 91 9.88 -2.95 12.14
N GLU B 92 10.53 -2.62 13.28
CA GLU B 92 11.91 -2.16 13.34
C GLU B 92 12.90 -3.16 12.76
N THR B 93 12.70 -4.46 13.03
CA THR B 93 13.54 -5.54 12.50
C THR B 93 13.45 -5.55 10.97
N GLU B 94 12.23 -5.44 10.40
CA GLU B 94 12.03 -5.39 8.95
C GLU B 94 12.73 -4.16 8.37
N LEU B 95 12.52 -2.99 9.00
CA LEU B 95 13.10 -1.71 8.61
C LEU B 95 14.63 -1.81 8.56
N ARG B 96 15.25 -2.39 9.61
CA ARG B 96 16.70 -2.55 9.69
C ARG B 96 17.24 -3.47 8.59
N ASP B 97 16.51 -4.57 8.30
CA ASP B 97 16.87 -5.52 7.24
C ASP B 97 16.85 -4.88 5.84
N ILE B 98 15.87 -4.01 5.57
CA ILE B 98 15.73 -3.26 4.31
C ILE B 98 16.88 -2.25 4.19
N CYS B 99 17.13 -1.45 5.24
CA CYS B 99 18.20 -0.47 5.27
C CYS B 99 19.55 -1.12 5.06
N ASN B 100 19.77 -2.26 5.71
CA ASN B 100 21.06 -2.99 5.58
C ASN B 100 21.21 -3.53 4.16
N ASP B 101 20.12 -3.96 3.54
CA ASP B 101 20.13 -4.43 2.15
C ASP B 101 20.60 -3.29 1.20
N VAL B 102 19.98 -2.09 1.30
CA VAL B 102 20.33 -0.90 0.52
C VAL B 102 21.78 -0.46 0.76
N LEU B 103 22.17 -0.34 2.03
CA LEU B 103 23.50 0.12 2.43
C LEU B 103 24.59 -0.80 1.95
N SER B 104 24.27 -2.11 1.85
CA SER B 104 25.17 -3.14 1.34
C SER B 104 25.35 -2.95 -0.18
N LEU B 105 24.24 -2.66 -0.92
CA LEU B 105 24.29 -2.40 -2.37
C LEU B 105 25.15 -1.14 -2.66
N LEU B 106 24.98 -0.09 -1.82
CA LEU B 106 25.72 1.17 -1.93
C LEU B 106 27.22 0.98 -1.71
N GLU B 107 27.61 0.22 -0.66
CA GLU B 107 29.01 -0.03 -0.33
C GLU B 107 29.72 -0.92 -1.33
N LYS B 108 29.06 -2.02 -1.74
CA LYS B 108 29.66 -3.01 -2.64
C LYS B 108 29.67 -2.62 -4.12
N PHE B 109 28.58 -2.00 -4.62
CA PHE B 109 28.47 -1.70 -6.04
C PHE B 109 28.33 -0.24 -6.43
N LEU B 110 27.35 0.47 -5.88
CA LEU B 110 26.98 1.81 -6.28
C LEU B 110 28.03 2.90 -6.04
N ILE B 111 28.47 3.11 -4.79
CA ILE B 111 29.46 4.15 -4.47
C ILE B 111 30.84 3.86 -5.14
N PRO B 112 31.42 2.63 -5.11
CA PRO B 112 32.73 2.43 -5.77
C PRO B 112 32.73 2.61 -7.29
N ASN B 113 31.64 2.26 -7.98
CA ASN B 113 31.54 2.37 -9.44
C ASN B 113 31.02 3.72 -9.95
N ALA B 114 30.60 4.66 -9.08
CA ALA B 114 30.08 5.95 -9.53
C ALA B 114 31.24 6.75 -10.17
N SER B 115 31.18 6.95 -11.49
CA SER B 115 32.26 7.58 -12.27
C SER B 115 32.08 9.10 -12.53
N GLN B 116 30.96 9.63 -12.08
CA GLN B 116 30.58 11.03 -12.22
C GLN B 116 30.24 11.64 -10.88
N ALA B 117 30.41 12.95 -10.71
CA ALA B 117 30.07 13.66 -9.48
C ALA B 117 28.59 13.52 -9.16
N GLU B 118 27.73 13.63 -10.19
CA GLU B 118 26.28 13.53 -10.13
C GLU B 118 25.82 12.21 -9.48
N SER B 119 26.32 11.10 -9.99
CA SER B 119 25.94 9.79 -9.43
C SER B 119 26.61 9.58 -8.08
N LYS B 120 27.86 10.02 -7.90
CA LYS B 120 28.51 9.82 -6.59
C LYS B 120 27.74 10.57 -5.51
N VAL B 121 27.32 11.80 -5.81
CA VAL B 121 26.55 12.61 -4.83
C VAL B 121 25.21 11.93 -4.55
N PHE B 122 24.58 11.38 -5.59
CA PHE B 122 23.27 10.72 -5.46
C PHE B 122 23.34 9.53 -4.49
N TYR B 123 24.40 8.73 -4.60
CA TYR B 123 24.56 7.51 -3.78
C TYR B 123 24.99 7.86 -2.36
N LEU B 124 25.82 8.89 -2.19
CA LEU B 124 26.24 9.30 -0.85
C LEU B 124 25.08 9.91 -0.07
N LYS B 125 24.18 10.63 -0.78
CA LYS B 125 22.97 11.20 -0.18
C LYS B 125 22.07 10.03 0.26
N MET B 126 21.94 9.01 -0.61
CA MET B 126 21.17 7.79 -0.38
C MET B 126 21.73 7.03 0.85
N LYS B 127 23.06 6.96 1.00
CA LYS B 127 23.71 6.37 2.16
C LYS B 127 23.35 7.18 3.42
N GLY B 128 23.35 8.52 3.30
CA GLY B 128 22.97 9.42 4.38
C GLY B 128 21.54 9.17 4.82
N ASP B 129 20.62 9.00 3.84
CA ASP B 129 19.19 8.75 4.04
C ASP B 129 18.92 7.43 4.76
N TYR B 130 19.55 6.32 4.33
CA TYR B 130 19.27 5.01 4.90
C TYR B 130 19.90 4.83 6.29
N TYR B 131 20.99 5.57 6.61
CA TYR B 131 21.53 5.54 7.97
C TYR B 131 20.63 6.42 8.86
N ARG B 132 20.04 7.49 8.29
CA ARG B 132 19.10 8.39 8.99
C ARG B 132 17.83 7.58 9.36
N TYR B 133 17.34 6.71 8.46
CA TYR B 133 16.17 5.86 8.74
C TYR B 133 16.49 4.87 9.86
N LEU B 134 17.75 4.38 9.91
CA LEU B 134 18.20 3.49 10.97
C LEU B 134 18.28 4.27 12.29
N ALA B 135 18.75 5.54 12.22
CA ALA B 135 18.88 6.43 13.37
C ALA B 135 17.54 6.74 14.02
N GLU B 136 16.45 6.84 13.20
CA GLU B 136 15.08 7.12 13.66
C GLU B 136 14.56 6.04 14.61
N VAL B 137 15.10 4.82 14.52
CA VAL B 137 14.62 3.72 15.39
C VAL B 137 15.79 3.09 16.15
N ALA B 138 16.89 3.81 16.31
CA ALA B 138 18.07 3.23 17.01
C ALA B 138 18.12 3.74 18.46
N ALA B 139 18.87 3.05 19.31
CA ALA B 139 19.02 3.46 20.72
C ALA B 139 20.43 3.17 21.24
N GLY B 140 20.86 3.94 22.23
CA GLY B 140 22.15 3.72 22.93
C GLY B 140 23.38 3.97 22.10
N ASP B 141 24.36 3.10 22.24
CA ASP B 141 25.64 3.18 21.57
C ASP B 141 25.50 2.96 20.11
N ASP B 142 24.63 2.04 19.76
CA ASP B 142 24.34 1.73 18.34
C ASP B 142 23.95 3.02 17.63
N LYS B 143 23.12 3.84 18.26
CA LYS B 143 22.60 5.07 17.65
C LYS B 143 23.72 6.07 17.31
N LYS B 144 24.63 6.32 18.27
CA LYS B 144 25.77 7.24 18.10
C LYS B 144 26.59 6.97 16.84
N GLY B 145 26.90 5.70 16.59
CA GLY B 145 27.65 5.23 15.42
C GLY B 145 26.88 5.42 14.13
N ILE B 146 25.59 5.04 14.14
CA ILE B 146 24.66 5.17 13.02
C ILE B 146 24.51 6.65 12.63
N VAL B 147 24.32 7.49 13.61
CA VAL B 147 24.14 8.90 13.38
C VAL B 147 25.39 9.47 12.78
N ASP B 148 26.52 8.96 13.20
CA ASP B 148 27.78 9.40 12.69
C ASP B 148 27.95 9.03 11.24
N GLN B 149 27.57 7.81 10.92
CA GLN B 149 27.68 7.35 9.57
C GLN B 149 26.81 8.18 8.64
N SER B 150 25.61 8.50 9.07
CA SER B 150 24.68 9.33 8.27
C SER B 150 25.30 10.70 7.99
N GLN B 151 25.82 11.37 9.03
CA GLN B 151 26.45 12.68 8.92
C GLN B 151 27.66 12.69 7.96
N GLN B 152 28.53 11.65 8.04
CA GLN B 152 29.72 11.51 7.20
C GLN B 152 29.37 11.34 5.72
N ALA B 153 28.34 10.51 5.42
CA ALA B 153 27.87 10.28 4.05
C ALA B 153 27.33 11.61 3.49
N TYR B 154 26.41 12.27 4.23
CA TYR B 154 25.84 13.56 3.83
C TYR B 154 26.91 14.65 3.65
N GLN B 155 27.92 14.69 4.55
CA GLN B 155 29.01 15.69 4.50
C GLN B 155 29.88 15.54 3.25
N GLU B 156 30.28 14.30 2.91
CA GLU B 156 31.05 14.04 1.69
C GLU B 156 30.21 14.41 0.45
N ALA B 157 28.92 14.05 0.43
CA ALA B 157 28.02 14.39 -0.68
C ALA B 157 27.89 15.91 -0.80
N PHE B 158 27.79 16.60 0.35
CA PHE B 158 27.65 18.06 0.44
C PHE B 158 28.87 18.78 -0.16
N GLU B 159 30.08 18.34 0.18
CA GLU B 159 31.35 18.92 -0.31
C GLU B 159 31.53 18.74 -1.83
N ILE B 160 31.24 17.52 -2.35
CA ILE B 160 31.33 17.23 -3.79
C ILE B 160 30.33 18.08 -4.57
N SER B 161 29.07 18.16 -4.09
CA SER B 161 28.01 18.93 -4.77
C SER B 161 28.34 20.41 -4.86
N LYS B 162 28.90 21.00 -3.78
CA LYS B 162 29.28 22.43 -3.75
C LYS B 162 30.40 22.73 -4.74
N LYS B 163 31.31 21.76 -4.92
CA LYS B 163 32.47 21.85 -5.81
C LYS B 163 32.13 21.57 -7.28
N GLU B 164 31.25 20.59 -7.54
CA GLU B 164 30.98 20.10 -8.91
C GLU B 164 29.63 20.43 -9.52
N MET B 165 28.63 20.77 -8.71
CA MET B 165 27.29 21.00 -9.27
C MET B 165 26.85 22.42 -9.10
N GLN B 166 25.89 22.85 -9.90
CA GLN B 166 25.33 24.18 -9.83
C GLN B 166 24.36 24.28 -8.68
N PRO B 167 24.16 25.47 -8.11
CA PRO B 167 23.23 25.58 -6.97
C PRO B 167 21.78 25.16 -7.25
N THR B 168 21.36 25.17 -8.52
CA THR B 168 20.00 24.79 -8.92
C THR B 168 19.89 23.30 -9.31
N HIS B 169 21.01 22.54 -9.30
CA HIS B 169 20.95 21.11 -9.66
C HIS B 169 20.01 20.36 -8.70
N PRO B 170 18.97 19.63 -9.22
CA PRO B 170 18.04 18.93 -8.33
C PRO B 170 18.68 18.00 -7.29
N ILE B 171 19.80 17.36 -7.64
CA ILE B 171 20.50 16.45 -6.73
C ILE B 171 21.18 17.26 -5.61
N ARG B 172 21.82 18.38 -5.96
CA ARG B 172 22.45 19.26 -4.97
C ARG B 172 21.37 19.79 -4.00
N LEU B 173 20.23 20.26 -4.56
CA LEU B 173 19.09 20.79 -3.79
C LEU B 173 18.45 19.71 -2.90
N GLY B 174 18.23 18.53 -3.46
CA GLY B 174 17.64 17.39 -2.75
C GLY B 174 18.51 16.95 -1.58
N LEU B 175 19.83 17.01 -1.77
CA LEU B 175 20.78 16.68 -0.72
C LEU B 175 20.70 17.71 0.42
N ALA B 176 20.66 19.01 0.07
CA ALA B 176 20.57 20.09 1.07
C ALA B 176 19.27 19.94 1.86
N LEU B 177 18.17 19.53 1.19
CA LEU B 177 16.87 19.30 1.84
C LEU B 177 16.97 18.18 2.90
N ASN B 178 17.50 17.02 2.53
CA ASN B 178 17.64 15.87 3.43
C ASN B 178 18.68 16.09 4.54
N PHE B 179 19.80 16.74 4.23
CA PHE B 179 20.86 17.03 5.22
C PHE B 179 20.31 17.99 6.27
N SER B 180 19.50 19.01 5.87
CA SER B 180 18.86 19.93 6.80
C SER B 180 17.82 19.18 7.67
N VAL B 181 17.07 18.22 7.07
CA VAL B 181 16.11 17.36 7.81
C VAL B 181 16.90 16.56 8.89
N PHE B 182 18.07 16.01 8.51
CA PHE B 182 18.94 15.26 9.43
C PHE B 182 19.34 16.13 10.66
N TYR B 183 19.78 17.40 10.42
CA TYR B 183 20.16 18.29 11.51
C TYR B 183 18.97 18.58 12.44
N TYR B 184 17.78 18.83 11.85
CA TYR B 184 16.59 19.13 12.63
C TYR B 184 16.07 17.93 13.42
N GLU B 185 15.80 16.82 12.72
CA GLU B 185 15.18 15.63 13.30
C GLU B 185 16.12 14.68 14.03
N ILE B 186 17.36 14.50 13.57
CA ILE B 186 18.26 13.53 14.19
C ILE B 186 19.19 14.20 15.20
N LEU B 187 19.83 15.32 14.82
CA LEU B 187 20.77 16.01 15.70
C LEU B 187 20.12 17.06 16.60
N ASN B 188 18.82 17.31 16.45
CA ASN B 188 18.09 18.31 17.22
C ASN B 188 18.71 19.68 17.17
N SER B 189 19.14 20.08 16.00
CA SER B 189 19.81 21.36 15.77
C SER B 189 18.98 22.21 14.79
N PRO B 190 17.88 22.87 15.27
CA PRO B 190 17.05 23.67 14.35
C PRO B 190 17.77 24.81 13.65
N GLU B 191 18.75 25.45 14.32
CA GLU B 191 19.49 26.57 13.73
C GLU B 191 20.42 26.14 12.60
N LYS B 192 21.15 25.01 12.76
CA LYS B 192 22.02 24.47 11.70
C LYS B 192 21.16 24.02 10.52
N ALA B 193 19.99 23.40 10.79
CA ALA B 193 19.03 22.93 9.79
C ALA B 193 18.49 24.12 8.97
N CYS B 194 18.09 25.21 9.65
CA CYS B 194 17.61 26.45 9.03
C CYS B 194 18.68 27.13 8.20
N SER B 195 19.92 27.20 8.72
CA SER B 195 21.06 27.82 8.04
C SER B 195 21.40 27.06 6.73
N LEU B 196 21.38 25.74 6.77
CA LEU B 196 21.63 24.91 5.61
C LEU B 196 20.57 25.10 4.55
N ALA B 197 19.33 24.97 4.97
CA ALA B 197 18.18 25.13 4.07
C ALA B 197 18.09 26.53 3.43
N LYS B 198 18.30 27.59 4.23
CA LYS B 198 18.28 28.99 3.77
C LYS B 198 19.40 29.27 2.75
N THR B 199 20.64 28.79 3.04
CA THR B 199 21.80 28.98 2.14
C THR B 199 21.52 28.32 0.80
N ALA B 200 21.02 27.06 0.81
CA ALA B 200 20.71 26.30 -0.39
C ALA B 200 19.64 27.00 -1.22
N PHE B 201 18.58 27.51 -0.58
CA PHE B 201 17.49 28.23 -1.25
C PHE B 201 18.01 29.54 -1.89
N ASP B 202 18.70 30.39 -1.10
CA ASP B 202 19.26 31.69 -1.54
C ASP B 202 20.29 31.58 -2.65
N GLU B 203 21.15 30.54 -2.60
CA GLU B 203 22.14 30.34 -3.67
C GLU B 203 21.49 29.89 -4.98
N ALA B 204 20.38 29.13 -4.90
CA ALA B 204 19.63 28.68 -6.08
C ALA B 204 18.84 29.86 -6.69
N ILE B 205 18.23 30.71 -5.84
CA ILE B 205 17.47 31.93 -6.21
C ILE B 205 18.38 32.92 -6.97
N ALA B 206 19.66 33.05 -6.54
CA ALA B 206 20.64 33.96 -7.14
C ALA B 206 21.12 33.52 -8.54
N GLU B 207 20.96 32.22 -8.87
CA GLU B 207 21.39 31.65 -10.15
C GLU B 207 20.27 30.91 -10.88
N LEU B 208 19.11 31.52 -11.04
CA LEU B 208 18.01 30.86 -11.72
C LEU B 208 18.23 30.68 -13.24
N ASP B 209 19.16 31.43 -13.78
CA ASP B 209 19.59 31.40 -15.19
C ASP B 209 20.25 30.05 -15.54
N THR B 210 20.80 29.35 -14.51
CA THR B 210 21.48 28.03 -14.62
C THR B 210 20.48 26.85 -14.72
N LEU B 211 19.16 27.13 -14.61
CA LEU B 211 18.11 26.11 -14.70
C LEU B 211 18.01 25.56 -16.11
N SER B 212 17.68 24.28 -16.20
CA SER B 212 17.52 23.58 -17.50
C SER B 212 16.05 23.23 -17.69
N GLU B 213 15.61 23.14 -18.94
CA GLU B 213 14.22 22.80 -19.30
C GLU B 213 13.79 21.40 -18.81
N GLU B 214 14.73 20.44 -18.79
CA GLU B 214 14.46 19.05 -18.37
C GLU B 214 14.39 18.86 -16.84
N SER B 215 14.97 19.79 -16.04
CA SER B 215 15.00 19.63 -14.59
C SER B 215 14.56 20.88 -13.78
N TYR B 216 13.98 21.88 -14.42
CA TYR B 216 13.53 23.06 -13.71
C TYR B 216 12.35 22.78 -12.80
N LYS B 217 11.54 21.80 -13.16
CA LYS B 217 10.40 21.47 -12.34
C LYS B 217 10.86 20.83 -11.04
N ASP B 218 11.77 19.87 -11.12
CA ASP B 218 12.31 19.22 -9.95
C ASP B 218 13.01 20.22 -9.04
N SER B 219 13.85 21.10 -9.61
CA SER B 219 14.60 22.13 -8.88
C SER B 219 13.69 23.07 -8.11
N THR B 220 12.68 23.66 -8.80
CA THR B 220 11.74 24.60 -8.18
C THR B 220 10.87 23.92 -7.13
N LEU B 221 10.50 22.64 -7.32
CA LEU B 221 9.72 21.89 -6.34
C LEU B 221 10.53 21.70 -5.05
N ILE B 222 11.83 21.33 -5.16
CA ILE B 222 12.71 21.15 -4.00
C ILE B 222 12.93 22.48 -3.27
N MET B 223 13.07 23.58 -4.03
CA MET B 223 13.25 24.94 -3.48
C MET B 223 12.04 25.30 -2.63
N GLN B 224 10.83 24.94 -3.11
CA GLN B 224 9.57 25.14 -2.39
C GLN B 224 9.54 24.31 -1.11
N LEU B 225 10.03 23.05 -1.15
CA LEU B 225 10.12 22.16 0.02
C LEU B 225 11.12 22.71 1.05
N LEU B 226 12.28 23.23 0.58
CA LEU B 226 13.29 23.85 1.45
C LEU B 226 12.70 25.02 2.22
N ARG B 227 11.97 25.93 1.51
CA ARG B 227 11.32 27.09 2.12
C ARG B 227 10.12 26.70 3.03
N ASP B 228 9.38 25.62 2.69
CA ASP B 228 8.29 25.12 3.53
C ASP B 228 8.86 24.66 4.90
N ASN B 229 10.01 23.95 4.89
CA ASN B 229 10.69 23.50 6.10
C ASN B 229 11.14 24.67 6.95
N LEU B 230 11.76 25.69 6.31
CA LEU B 230 12.21 26.92 6.96
C LEU B 230 11.07 27.63 7.67
N THR B 231 9.91 27.77 7.00
CA THR B 231 8.70 28.40 7.53
C THR B 231 8.22 27.64 8.77
N LEU B 232 8.16 26.30 8.68
CA LEU B 232 7.75 25.40 9.76
C LEU B 232 8.70 25.47 10.96
N TRP B 233 10.02 25.45 10.71
CA TRP B 233 11.06 25.45 11.74
C TRP B 233 11.30 26.82 12.41
N THR B 234 10.81 27.92 11.80
CA THR B 234 10.99 29.28 12.34
C THR B 234 9.68 29.84 12.93
N SER B 235 8.58 29.04 12.92
CA SER B 235 7.27 29.43 13.44
C SER B 235 7.15 29.10 14.93
N SER C 6 -18.98 -0.94 -9.34
CA SER C 6 -18.43 -0.56 -8.03
C SER C 6 -19.22 -1.16 -6.84
N SEP C 7 -18.57 -2.08 -6.11
CA SEP C 7 -19.10 -2.84 -4.98
CB SEP C 7 -18.30 -4.14 -5.11
OG SEP C 7 -16.88 -3.84 -4.86
C SEP C 7 -18.88 -2.18 -3.59
O SEP C 7 -18.38 -1.05 -3.50
P SEP C 7 -15.97 -5.00 -5.13
O1P SEP C 7 -16.01 -5.12 -6.66
O2P SEP C 7 -14.55 -4.74 -4.67
O3P SEP C 7 -16.35 -6.21 -4.23
N ALA C 8 -19.25 -2.92 -2.51
CA ALA C 8 -19.22 -2.54 -1.09
C ALA C 8 -17.95 -1.81 -0.62
N ASN C 9 -18.17 -0.73 0.17
CA ASN C 9 -17.15 0.13 0.77
C ASN C 9 -17.08 -0.15 2.28
N LEU C 10 -15.88 -0.48 2.78
CA LEU C 10 -15.64 -0.79 4.21
C LEU C 10 -15.69 0.47 5.06
N GLN D 5 6.12 16.05 7.32
CA GLN D 5 7.44 15.54 6.94
C GLN D 5 7.78 15.95 5.49
N SER D 6 8.85 16.77 5.32
CA SER D 6 9.28 17.21 3.99
C SER D 6 10.79 17.01 3.73
N SEP D 7 11.11 15.81 3.22
CA SEP D 7 12.40 15.35 2.73
CB SEP D 7 12.98 14.13 3.48
OG SEP D 7 12.05 13.01 3.35
C SEP D 7 12.19 15.23 1.20
O SEP D 7 11.04 15.36 0.74
P SEP D 7 12.43 11.71 4.04
O1P SEP D 7 13.63 10.98 3.44
O2P SEP D 7 12.38 11.93 5.54
O3P SEP D 7 11.32 10.79 3.68
N ALA D 8 13.27 14.97 0.43
CA ALA D 8 13.30 14.93 -1.05
C ALA D 8 12.08 14.19 -1.75
N ASN D 9 11.56 13.01 -1.32
CA ASN D 9 11.87 12.07 -0.24
C ASN D 9 13.32 11.54 -0.38
N LEU D 10 13.62 11.00 -1.59
CA LEU D 10 14.89 10.43 -2.05
C LEU D 10 14.72 9.64 -3.35
C1' SAL E . -28.46 9.50 -2.42
C1' SAL E . -28.44 9.96 -2.46
O1' SAL E . -28.15 8.49 -3.08
O1' SAL E . -28.00 8.95 -3.06
O2' SAL E . -28.28 10.65 -2.86
O2' SAL E . -28.19 11.10 -2.89
C1 SAL E . -29.10 9.32 -1.06
C1 SAL E . -29.28 9.78 -1.22
C2 SAL E . -29.98 10.38 -0.48
C2 SAL E . -29.37 8.46 -0.51
C3 SAL E . -30.58 10.17 0.77
C3 SAL E . -30.19 8.33 0.60
C4 SAL E . -30.34 8.98 1.46
C4 SAL E . -30.95 9.42 1.05
C5 SAL E . -29.50 7.98 0.93
C5 SAL E . -30.88 10.66 0.39
C6 SAL E . -28.90 8.15 -0.33
C6 SAL E . -30.06 10.84 -0.72
O2 SAL E . -30.21 11.54 -1.17
O2 SAL E . -28.65 7.39 -0.96
S SO4 F . 11.81 -0.49 -24.22
O1 SO4 F . 12.71 0.19 -25.15
O2 SO4 F . 10.91 -1.38 -24.95
O3 SO4 F . 11.05 0.54 -23.50
O4 SO4 F . 12.62 -1.29 -23.30
#